data_9HVJ
#
_entry.id   9HVJ
#
_cell.length_a   35.000
_cell.length_b   93.080
_cell.length_c   44.380
_cell.angle_alpha   90.000
_cell.angle_beta   92.190
_cell.angle_gamma   90.000
#
_symmetry.space_group_name_H-M   'P 1 21 1'
#
loop_
_entity.id
_entity.type
_entity.pdbx_description
1 polymer 'Cache domain protein'
2 non-polymer URACIL
3 non-polymer 'ACETATE ION'
4 non-polymer 1,2-ETHANEDIOL
5 water water
#
_entity_poly.entity_id   1
_entity_poly.type   'polypeptide(L)'
_entity_poly.pdbx_seq_one_letter_code
;MGSSHHHHHHSSGLVPRGSHMSTSYEDSQQEMQLKCVSQSDELDTMMQNVSQSVEMVYSIAVAKLEHAASFRTSKDYVDT
YTKQMLPILMQSAQNTKGALTAYIRYNPEFTEPTSGLFLTRDNSDSEFESVTPTDFSMYDPSDVEHVGWYYIPVQNGKET
WMEPYLNSNIGVYMISYVIPIEVDGESIGIIGMDIDFSEFTDTIDSLSIFDSGYGFLVNESGKVMYHKDLEIGSNLADAD
SGLQSVVDALGNEQTEETAVSYTYQGKDKVMYYKTLENGMKFVLTAPKTELQEKSRQLAKQ
;
_entity_poly.pdbx_strand_id   A
#
loop_
_chem_comp.id
_chem_comp.type
_chem_comp.name
_chem_comp.formula
ACT non-polymer 'ACETATE ION' 'C2 H3 O2 -1'
EDO non-polymer 1,2-ETHANEDIOL 'C2 H6 O2'
URA non-polymer URACIL 'C4 H4 N2 O2'
#
# COMPACT_ATOMS: atom_id res chain seq x y z
N HIS A 7 -40.14 -5.67 4.00
CA HIS A 7 -38.82 -5.92 4.56
C HIS A 7 -37.81 -6.31 3.47
N HIS A 8 -37.78 -5.55 2.38
CA HIS A 8 -36.79 -5.70 1.32
C HIS A 8 -35.90 -4.47 1.41
N HIS A 9 -34.91 -4.55 2.28
CA HIS A 9 -34.06 -3.40 2.53
C HIS A 9 -33.12 -3.20 1.36
N HIS A 10 -32.86 -1.93 1.03
CA HIS A 10 -31.91 -1.58 -0.01
C HIS A 10 -30.84 -0.67 0.58
N SER A 11 -29.64 -0.78 0.01
CA SER A 11 -28.53 0.07 0.46
C SER A 11 -28.78 1.52 0.08
N SER A 12 -28.07 2.42 0.75
CA SER A 12 -28.27 3.85 0.54
CA SER A 12 -28.26 3.85 0.54
CA SER A 12 -28.27 3.86 0.54
C SER A 12 -27.77 4.27 -0.84
N GLY A 13 -28.50 5.18 -1.47
CA GLY A 13 -28.11 5.72 -2.76
C GLY A 13 -27.63 7.15 -2.59
N LEU A 14 -27.78 7.96 -3.64
CA LEU A 14 -27.35 9.35 -3.58
CA LEU A 14 -27.36 9.36 -3.58
C LEU A 14 -28.01 10.06 -2.40
N VAL A 15 -27.19 10.72 -1.60
CA VAL A 15 -27.62 11.28 -0.32
C VAL A 15 -28.05 12.73 -0.54
N PRO A 16 -29.29 13.09 -0.21
CA PRO A 16 -29.70 14.49 -0.34
C PRO A 16 -28.89 15.39 0.58
N ARG A 17 -28.59 16.60 0.11
CA ARG A 17 -27.89 17.58 0.93
C ARG A 17 -28.73 17.92 2.16
N GLY A 18 -28.10 17.87 3.33
CA GLY A 18 -28.77 18.19 4.57
C GLY A 18 -29.35 17.00 5.31
N SER A 19 -28.80 15.81 5.12
CA SER A 19 -29.32 14.61 5.78
C SER A 19 -28.74 14.47 7.18
N SER A 24 -28.76 11.53 17.69
CA SER A 24 -27.96 11.89 18.85
C SER A 24 -26.47 11.89 18.57
N TYR A 25 -25.70 12.54 19.46
CA TYR A 25 -24.25 12.55 19.34
C TYR A 25 -23.69 11.13 19.40
N GLU A 26 -24.21 10.32 20.33
CA GLU A 26 -23.77 8.93 20.45
C GLU A 26 -24.06 8.14 19.17
N ASP A 27 -25.26 8.31 18.59
CA ASP A 27 -25.56 7.64 17.31
C ASP A 27 -24.58 8.06 16.22
N SER A 28 -24.21 9.34 16.19
CA SER A 28 -23.26 9.80 15.17
C SER A 28 -21.87 9.22 15.38
N GLN A 29 -21.41 9.13 16.64
CA GLN A 29 -20.14 8.45 16.90
C GLN A 29 -20.18 7.02 16.39
N GLN A 30 -21.29 6.31 16.63
CA GLN A 30 -21.39 4.91 16.23
C GLN A 30 -21.36 4.79 14.72
N GLU A 31 -22.03 5.70 14.01
CA GLU A 31 -22.03 5.68 12.56
C GLU A 31 -20.64 5.96 12.02
N MET A 32 -19.93 6.91 12.62
CA MET A 32 -18.57 7.22 12.19
C MET A 32 -17.61 6.06 12.45
N GLN A 33 -17.75 5.37 13.59
CA GLN A 33 -16.88 4.23 13.88
C GLN A 33 -17.07 3.13 12.82
N LEU A 34 -18.33 2.80 12.51
CA LEU A 34 -18.58 1.76 11.51
C LEU A 34 -18.10 2.19 10.13
N LYS A 35 -18.27 3.47 9.78
CA LYS A 35 -17.82 3.95 8.47
C LYS A 35 -16.30 3.88 8.35
N CYS A 36 -15.59 4.19 9.43
CA CYS A 36 -14.14 4.03 9.44
C CYS A 36 -13.77 2.58 9.14
N VAL A 37 -14.42 1.63 9.82
CA VAL A 37 -14.09 0.22 9.65
C VAL A 37 -14.42 -0.25 8.24
N SER A 38 -15.59 0.13 7.70
CA SER A 38 -15.95 -0.34 6.37
CA SER A 38 -15.97 -0.33 6.37
C SER A 38 -15.08 0.28 5.28
N GLN A 39 -14.77 1.58 5.39
CA GLN A 39 -13.92 2.20 4.39
C GLN A 39 -12.50 1.63 4.43
N SER A 40 -12.04 1.24 5.63
CA SER A 40 -10.75 0.59 5.75
C SER A 40 -10.78 -0.78 5.08
N ASP A 41 -11.90 -1.49 5.21
CA ASP A 41 -12.06 -2.78 4.55
C ASP A 41 -11.98 -2.61 3.04
N GLU A 42 -12.62 -1.58 2.50
CA GLU A 42 -12.57 -1.31 1.06
C GLU A 42 -11.14 -1.01 0.60
N LEU A 43 -10.45 -0.12 1.33
CA LEU A 43 -9.09 0.22 0.98
C LEU A 43 -8.17 -0.98 1.06
N ASP A 44 -8.37 -1.84 2.06
CA ASP A 44 -7.56 -3.04 2.24
C ASP A 44 -7.70 -4.03 1.08
N THR A 45 -8.78 -3.94 0.29
CA THR A 45 -9.11 -4.97 -0.71
C THR A 45 -7.93 -5.29 -1.60
N MET A 46 -7.45 -4.29 -2.36
CA MET A 46 -6.36 -4.56 -3.29
C MET A 46 -5.05 -4.84 -2.58
N MET A 47 -4.87 -4.30 -1.36
CA MET A 47 -3.65 -4.61 -0.62
C MET A 47 -3.61 -6.09 -0.26
N GLN A 48 -4.73 -6.63 0.23
CA GLN A 48 -4.80 -8.06 0.53
C GLN A 48 -4.67 -8.92 -0.74
N ASN A 49 -5.25 -8.47 -1.85
CA ASN A 49 -5.12 -9.24 -3.09
C ASN A 49 -3.65 -9.41 -3.45
N VAL A 50 -2.89 -8.32 -3.37
CA VAL A 50 -1.49 -8.36 -3.77
C VAL A 50 -0.65 -9.14 -2.76
N SER A 51 -0.85 -8.88 -1.46
CA SER A 51 -0.03 -9.57 -0.48
CA SER A 51 -0.08 -9.55 -0.42
C SER A 51 -0.25 -11.08 -0.51
N GLN A 52 -1.50 -11.53 -0.68
CA GLN A 52 -1.76 -12.97 -0.78
C GLN A 52 -1.09 -13.58 -2.00
N SER A 53 -1.10 -12.88 -3.14
CA SER A 53 -0.46 -13.41 -4.34
C SER A 53 1.05 -13.45 -4.19
N VAL A 54 1.66 -12.38 -3.67
CA VAL A 54 3.11 -12.37 -3.49
C VAL A 54 3.54 -13.47 -2.52
N GLU A 55 2.78 -13.67 -1.44
CA GLU A 55 3.11 -14.72 -0.48
C GLU A 55 3.04 -16.09 -1.12
N MET A 56 2.05 -16.30 -2.00
CA MET A 56 1.91 -17.60 -2.64
C MET A 56 3.07 -17.88 -3.59
N VAL A 57 3.46 -16.88 -4.40
CA VAL A 57 4.59 -17.09 -5.30
C VAL A 57 5.88 -17.23 -4.53
N TYR A 58 6.05 -16.43 -3.46
CA TYR A 58 7.23 -16.56 -2.61
C TYR A 58 7.40 -17.99 -2.11
N SER A 59 6.32 -18.61 -1.64
CA SER A 59 6.43 -19.96 -1.09
CA SER A 59 6.43 -19.96 -1.09
CA SER A 59 6.41 -19.96 -1.09
C SER A 59 6.92 -20.95 -2.15
N ILE A 60 6.43 -20.81 -3.39
CA ILE A 60 6.89 -21.67 -4.47
C ILE A 60 8.35 -21.37 -4.81
N ALA A 61 8.69 -20.07 -4.87
CA ALA A 61 10.04 -19.64 -5.21
C ALA A 61 11.09 -20.24 -4.26
N VAL A 62 10.84 -20.15 -2.96
CA VAL A 62 11.87 -20.64 -2.03
C VAL A 62 11.91 -22.17 -1.98
N ALA A 63 10.77 -22.84 -2.24
CA ALA A 63 10.80 -24.29 -2.31
C ALA A 63 11.62 -24.77 -3.51
N LYS A 64 11.52 -24.05 -4.63
CA LYS A 64 12.28 -24.40 -5.84
C LYS A 64 13.76 -24.05 -5.75
N LEU A 65 14.12 -23.08 -4.91
CA LEU A 65 15.50 -22.60 -4.79
C LEU A 65 16.26 -23.54 -3.87
N GLU A 66 16.60 -24.71 -4.41
CA GLU A 66 17.11 -25.80 -3.59
C GLU A 66 18.59 -25.68 -3.26
N HIS A 67 19.36 -24.96 -4.08
CA HIS A 67 20.81 -24.85 -3.87
C HIS A 67 21.23 -23.41 -4.17
N ALA A 68 21.02 -22.54 -3.18
CA ALA A 68 21.24 -21.11 -3.37
C ALA A 68 22.69 -20.77 -3.66
N ALA A 69 23.63 -21.61 -3.21
CA ALA A 69 25.04 -21.34 -3.46
C ALA A 69 25.32 -21.26 -4.95
N SER A 70 24.55 -21.96 -5.77
CA SER A 70 24.79 -21.95 -7.21
C SER A 70 24.39 -20.64 -7.86
N PHE A 71 23.61 -19.78 -7.18
CA PHE A 71 23.31 -18.47 -7.76
C PHE A 71 24.56 -17.61 -7.91
N ARG A 72 25.59 -17.87 -7.10
CA ARG A 72 26.80 -17.05 -7.15
C ARG A 72 27.75 -17.48 -8.25
N THR A 73 27.65 -18.72 -8.74
CA THR A 73 28.66 -19.28 -9.63
C THR A 73 28.11 -19.89 -10.91
N SER A 74 26.80 -20.03 -11.07
CA SER A 74 26.24 -20.69 -12.24
C SER A 74 25.15 -19.84 -12.90
N LYS A 75 25.49 -19.20 -14.02
CA LYS A 75 24.48 -18.52 -14.81
C LYS A 75 23.42 -19.50 -15.32
N ASP A 76 23.82 -20.73 -15.63
CA ASP A 76 22.84 -21.74 -16.02
C ASP A 76 21.81 -21.99 -14.92
N TYR A 77 22.26 -22.07 -13.67
CA TYR A 77 21.30 -22.25 -12.58
C TYR A 77 20.33 -21.07 -12.49
N VAL A 78 20.87 -19.85 -12.51
CA VAL A 78 20.02 -18.67 -12.42
C VAL A 78 19.01 -18.65 -13.56
N ASP A 79 19.48 -18.89 -14.78
CA ASP A 79 18.61 -18.81 -15.95
C ASP A 79 17.56 -19.93 -15.95
N THR A 80 17.94 -21.13 -15.52
CA THR A 80 16.98 -22.23 -15.50
C THR A 80 15.91 -22.00 -14.43
N TYR A 81 16.34 -21.54 -13.25
CA TYR A 81 15.41 -21.19 -12.17
C TYR A 81 14.43 -20.11 -12.63
N THR A 82 14.95 -19.06 -13.28
CA THR A 82 14.10 -17.97 -13.76
C THR A 82 13.05 -18.45 -14.75
N LYS A 83 13.46 -19.32 -15.69
CA LYS A 83 12.51 -19.82 -16.69
C LYS A 83 11.43 -20.68 -16.05
N GLN A 84 11.78 -21.46 -15.01
CA GLN A 84 10.75 -22.21 -14.29
C GLN A 84 9.79 -21.28 -13.54
N MET A 85 10.27 -20.14 -13.04
CA MET A 85 9.41 -19.26 -12.26
C MET A 85 8.52 -18.40 -13.13
N LEU A 86 8.87 -18.19 -14.41
CA LEU A 86 8.10 -17.27 -15.24
C LEU A 86 6.63 -17.64 -15.35
N PRO A 87 6.24 -18.87 -15.71
CA PRO A 87 4.80 -19.13 -15.81
C PRO A 87 4.07 -19.03 -14.48
N ILE A 88 4.75 -19.33 -13.37
CA ILE A 88 4.15 -19.20 -12.05
C ILE A 88 3.89 -17.74 -11.72
N LEU A 89 4.91 -16.89 -11.89
CA LEU A 89 4.72 -15.46 -11.61
C LEU A 89 3.67 -14.85 -12.53
N MET A 90 3.69 -15.23 -13.81
CA MET A 90 2.76 -14.67 -14.78
CA MET A 90 2.77 -14.68 -14.79
C MET A 90 1.32 -15.04 -14.44
N GLN A 91 1.07 -16.33 -14.14
CA GLN A 91 -0.29 -16.74 -13.82
C GLN A 91 -0.80 -16.02 -12.59
N SER A 92 0.05 -15.90 -11.57
CA SER A 92 -0.38 -15.23 -10.34
C SER A 92 -0.68 -13.77 -10.60
N ALA A 93 0.23 -13.06 -11.28
CA ALA A 93 0.02 -11.64 -11.54
C ALA A 93 -1.24 -11.40 -12.35
N GLN A 94 -1.44 -12.20 -13.41
CA GLN A 94 -2.60 -12.01 -14.27
CA GLN A 94 -2.60 -12.05 -14.29
C GLN A 94 -3.91 -12.10 -13.51
N ASN A 95 -3.95 -12.84 -12.41
CA ASN A 95 -5.18 -13.02 -11.65
C ASN A 95 -5.18 -12.27 -10.32
N THR A 96 -4.37 -11.22 -10.21
CA THR A 96 -4.28 -10.41 -8.99
C THR A 96 -4.93 -9.07 -9.35
N LYS A 97 -6.15 -8.85 -8.87
CA LYS A 97 -6.86 -7.61 -9.17
C LYS A 97 -6.14 -6.45 -8.51
N GLY A 98 -5.73 -5.48 -9.33
CA GLY A 98 -5.03 -4.29 -8.87
C GLY A 98 -3.53 -4.35 -9.03
N ALA A 99 -2.96 -5.50 -9.36
CA ALA A 99 -1.52 -5.54 -9.58
C ALA A 99 -1.16 -4.84 -10.89
N LEU A 100 -0.17 -3.96 -10.82
CA LEU A 100 0.30 -3.22 -11.99
C LEU A 100 1.57 -3.82 -12.57
N THR A 101 2.47 -4.33 -11.72
CA THR A 101 3.68 -5.02 -12.16
C THR A 101 3.94 -6.18 -11.22
N ALA A 102 4.77 -7.13 -11.66
CA ALA A 102 5.20 -8.23 -10.81
C ALA A 102 6.64 -8.55 -11.18
N TYR A 103 7.44 -8.97 -10.19
CA TYR A 103 8.87 -9.10 -10.50
C TYR A 103 9.55 -10.07 -9.54
N ILE A 104 10.61 -10.72 -10.04
CA ILE A 104 11.58 -11.43 -9.23
C ILE A 104 12.94 -10.93 -9.70
N ARG A 105 13.69 -10.30 -8.80
CA ARG A 105 15.01 -9.76 -9.15
C ARG A 105 16.04 -10.31 -8.17
N TYR A 106 17.31 -10.31 -8.60
CA TYR A 106 18.36 -10.95 -7.82
C TYR A 106 19.43 -9.96 -7.40
N ASN A 107 20.18 -10.37 -6.37
CA ASN A 107 21.25 -9.55 -5.78
C ASN A 107 22.28 -9.18 -6.86
N PRO A 108 22.51 -7.88 -7.11
CA PRO A 108 23.41 -7.48 -8.20
C PRO A 108 24.88 -7.70 -7.87
N GLU A 109 25.21 -8.11 -6.65
CA GLU A 109 26.60 -8.40 -6.31
C GLU A 109 27.13 -9.63 -7.04
N PHE A 110 26.25 -10.59 -7.39
CA PHE A 110 26.69 -11.84 -7.99
C PHE A 110 25.82 -12.34 -9.15
N THR A 111 24.85 -11.57 -9.61
CA THR A 111 24.08 -11.94 -10.79
C THR A 111 24.13 -10.82 -11.83
N GLU A 112 23.77 -11.16 -13.07
CA GLU A 112 23.76 -10.16 -14.13
C GLU A 112 22.69 -9.11 -13.83
N PRO A 113 22.94 -7.83 -14.14
CA PRO A 113 22.09 -6.77 -13.58
C PRO A 113 20.72 -6.62 -14.23
N THR A 114 20.42 -7.36 -15.31
CA THR A 114 19.05 -7.46 -15.84
C THR A 114 18.48 -8.87 -15.73
N SER A 115 19.08 -9.72 -14.88
CA SER A 115 18.55 -11.07 -14.68
C SER A 115 17.20 -11.01 -13.98
N GLY A 116 16.48 -12.13 -14.02
CA GLY A 116 15.18 -12.22 -13.38
C GLY A 116 14.01 -11.87 -14.27
N LEU A 117 12.91 -11.40 -13.66
CA LEU A 117 11.64 -11.19 -14.35
C LEU A 117 11.04 -9.85 -13.97
N PHE A 118 10.45 -9.16 -14.94
CA PHE A 118 9.72 -7.91 -14.74
C PHE A 118 8.52 -7.99 -15.66
N LEU A 119 7.33 -8.09 -15.08
CA LEU A 119 6.08 -8.20 -15.85
C LEU A 119 5.28 -6.92 -15.64
N THR A 120 4.74 -6.36 -16.73
CA THR A 120 4.05 -5.09 -16.64
C THR A 120 2.74 -5.17 -17.40
N ARG A 121 1.80 -4.32 -17.01
CA ARG A 121 0.61 -4.10 -17.81
C ARG A 121 0.13 -2.68 -17.54
N ASP A 122 -0.72 -2.19 -18.44
CA ASP A 122 -1.22 -0.83 -18.28
C ASP A 122 -2.40 -0.76 -17.31
N ASN A 123 -3.29 -1.74 -17.36
CA ASN A 123 -4.53 -1.69 -16.61
C ASN A 123 -5.05 -3.11 -16.40
N SER A 124 -5.97 -3.26 -15.44
CA SER A 124 -6.48 -4.59 -15.09
C SER A 124 -7.18 -5.28 -16.25
N ASP A 125 -7.55 -4.53 -17.30
CA ASP A 125 -8.17 -5.13 -18.47
C ASP A 125 -7.16 -5.64 -19.49
N SER A 126 -5.90 -5.22 -19.40
CA SER A 126 -4.87 -5.63 -20.34
C SER A 126 -4.07 -6.80 -19.79
N GLU A 127 -3.27 -7.40 -20.66
CA GLU A 127 -2.49 -8.57 -20.29
C GLU A 127 -1.11 -8.15 -19.82
N PHE A 128 -0.56 -8.94 -18.90
CA PHE A 128 0.82 -8.76 -18.50
C PHE A 128 1.75 -9.22 -19.61
N GLU A 129 2.86 -8.50 -19.78
CA GLU A 129 3.91 -8.87 -20.71
C GLU A 129 5.24 -8.95 -19.95
N SER A 130 6.09 -9.88 -20.37
CA SER A 130 7.42 -10.01 -19.79
C SER A 130 8.39 -9.09 -20.51
N VAL A 131 8.99 -8.16 -19.78
CA VAL A 131 9.84 -7.12 -20.36
C VAL A 131 11.23 -7.18 -19.73
N THR A 132 12.18 -6.49 -20.36
CA THR A 132 13.54 -6.49 -19.84
C THR A 132 13.57 -5.84 -18.46
N PRO A 133 14.10 -6.52 -17.45
CA PRO A 133 14.15 -5.93 -16.11
C PRO A 133 15.09 -4.73 -16.03
N THR A 134 14.76 -3.82 -15.12
CA THR A 134 15.58 -2.62 -14.88
C THR A 134 17.03 -2.97 -14.55
N ASP A 135 17.99 -2.27 -15.18
CA ASP A 135 19.40 -2.63 -15.08
C ASP A 135 20.03 -1.99 -13.84
N PHE A 136 20.38 -2.82 -12.84
CA PHE A 136 20.95 -2.32 -11.59
C PHE A 136 22.24 -1.53 -11.81
N SER A 137 22.97 -1.84 -12.88
CA SER A 137 24.27 -1.19 -13.10
C SER A 137 24.14 0.26 -13.55
N MET A 138 22.93 0.69 -13.94
CA MET A 138 22.73 2.06 -14.39
C MET A 138 22.39 3.07 -13.30
N TYR A 139 22.16 2.65 -12.04
CA TYR A 139 21.58 3.55 -11.05
C TYR A 139 22.24 3.39 -9.69
N ASP A 140 22.33 4.50 -8.95
CA ASP A 140 22.84 4.48 -7.59
C ASP A 140 21.87 3.73 -6.67
N PRO A 141 22.39 2.99 -5.68
CA PRO A 141 21.49 2.32 -4.72
C PRO A 141 20.56 3.24 -3.95
N SER A 142 20.87 4.54 -3.86
CA SER A 142 20.00 5.49 -3.16
C SER A 142 18.90 6.05 -4.06
N ASP A 143 18.85 5.66 -5.33
CA ASP A 143 17.91 6.21 -6.31
C ASP A 143 16.60 5.43 -6.19
N VAL A 144 15.72 5.90 -5.29
CA VAL A 144 14.46 5.20 -5.02
C VAL A 144 13.61 5.06 -6.27
N GLU A 145 13.55 6.13 -7.07
CA GLU A 145 12.68 6.17 -8.23
C GLU A 145 13.08 5.21 -9.33
N HIS A 146 14.29 4.65 -9.29
CA HIS A 146 14.68 3.63 -10.25
C HIS A 146 14.89 2.24 -9.64
N VAL A 147 15.39 2.14 -8.40
CA VAL A 147 15.76 0.83 -7.83
C VAL A 147 15.32 0.67 -6.38
N GLY A 148 14.42 1.54 -5.89
CA GLY A 148 14.04 1.48 -4.48
C GLY A 148 13.37 0.19 -4.06
N TRP A 149 12.64 -0.45 -4.99
CA TRP A 149 11.96 -1.72 -4.76
C TRP A 149 12.92 -2.87 -4.49
N TYR A 150 14.21 -2.70 -4.75
CA TYR A 150 15.22 -3.66 -4.30
C TYR A 150 15.85 -3.22 -2.98
N TYR A 151 16.45 -2.02 -2.95
CA TYR A 151 17.29 -1.67 -1.80
C TYR A 151 16.50 -1.45 -0.52
N ILE A 152 15.31 -0.85 -0.59
CA ILE A 152 14.55 -0.61 0.65
C ILE A 152 14.11 -1.93 1.29
N PRO A 153 13.47 -2.85 0.57
CA PRO A 153 13.11 -4.12 1.23
C PRO A 153 14.30 -4.92 1.71
N VAL A 154 15.39 -4.99 0.93
CA VAL A 154 16.55 -5.78 1.35
C VAL A 154 17.20 -5.18 2.60
N GLN A 155 17.26 -3.84 2.68
CA GLN A 155 17.77 -3.20 3.87
C GLN A 155 16.85 -3.39 5.07
N ASN A 156 15.55 -3.51 4.84
CA ASN A 156 14.62 -3.79 5.93
CA ASN A 156 14.60 -3.79 5.92
C ASN A 156 14.80 -5.21 6.46
N GLY A 157 15.17 -6.15 5.60
CA GLY A 157 15.40 -7.51 6.01
C GLY A 157 14.17 -8.32 6.27
N LYS A 158 13.01 -7.88 5.78
CA LYS A 158 11.76 -8.61 5.94
C LYS A 158 10.79 -8.11 4.89
N GLU A 159 9.63 -8.76 4.83
CA GLU A 159 8.55 -8.29 3.96
C GLU A 159 8.25 -6.82 4.23
N THR A 160 8.05 -6.06 3.14
CA THR A 160 8.02 -4.60 3.18
C THR A 160 6.91 -4.08 2.29
N TRP A 161 6.02 -3.27 2.87
CA TRP A 161 5.15 -2.39 2.11
C TRP A 161 5.88 -1.05 1.92
N MET A 162 6.12 -0.68 0.68
CA MET A 162 6.75 0.60 0.40
CA MET A 162 6.74 0.60 0.38
C MET A 162 5.70 1.70 0.38
N GLU A 163 6.01 2.82 1.05
CA GLU A 163 5.17 4.00 0.99
C GLU A 163 5.26 4.58 -0.42
N PRO A 164 4.30 5.43 -0.81
CA PRO A 164 4.20 5.85 -2.22
C PRO A 164 5.46 6.50 -2.75
N TYR A 165 5.82 6.09 -3.96
CA TYR A 165 6.95 6.67 -4.68
C TYR A 165 6.66 6.69 -6.17
N LEU A 166 7.35 7.60 -6.86
CA LEU A 166 7.31 7.65 -8.31
C LEU A 166 8.26 6.57 -8.84
N ASN A 167 7.71 5.55 -9.48
CA ASN A 167 8.52 4.62 -10.24
C ASN A 167 8.80 5.22 -11.61
N SER A 168 10.02 5.67 -11.82
CA SER A 168 10.40 6.32 -13.08
C SER A 168 10.64 5.33 -14.22
N ASN A 169 10.73 4.03 -13.93
CA ASN A 169 10.83 3.06 -15.02
C ASN A 169 9.51 2.88 -15.74
N ILE A 170 8.39 3.08 -15.06
CA ILE A 170 7.10 2.93 -15.71
C ILE A 170 6.27 4.20 -15.70
N GLY A 171 6.66 5.22 -14.93
CA GLY A 171 5.99 6.51 -14.96
C GLY A 171 4.75 6.60 -14.08
N VAL A 172 4.69 5.83 -13.00
CA VAL A 172 3.50 5.70 -12.18
C VAL A 172 3.87 5.90 -10.71
N TYR A 173 3.07 6.68 -9.99
CA TYR A 173 3.20 6.81 -8.55
C TYR A 173 2.50 5.59 -7.92
N MET A 174 3.23 4.82 -7.11
CA MET A 174 2.75 3.48 -6.74
C MET A 174 3.16 3.17 -5.31
N ILE A 175 2.52 2.13 -4.76
CA ILE A 175 3.02 1.40 -3.60
C ILE A 175 3.40 0.00 -4.05
N SER A 176 4.17 -0.70 -3.21
CA SER A 176 4.70 -2.01 -3.57
C SER A 176 4.74 -2.90 -2.34
N TYR A 177 4.49 -4.19 -2.54
CA TYR A 177 4.71 -5.20 -1.50
C TYR A 177 5.82 -6.12 -2.00
N VAL A 178 6.93 -6.18 -1.25
CA VAL A 178 8.14 -6.89 -1.66
C VAL A 178 8.62 -7.79 -0.54
N ILE A 179 8.90 -9.04 -0.86
CA ILE A 179 9.47 -9.97 0.10
C ILE A 179 10.90 -10.29 -0.32
N PRO A 180 11.90 -9.97 0.51
CA PRO A 180 13.26 -10.42 0.21
C PRO A 180 13.36 -11.95 0.28
N ILE A 181 14.09 -12.52 -0.66
CA ILE A 181 14.38 -13.95 -0.70
C ILE A 181 15.77 -14.10 -0.12
N GLU A 182 15.85 -14.70 1.07
CA GLU A 182 17.09 -14.89 1.80
C GLU A 182 17.23 -16.38 2.07
N VAL A 183 18.45 -16.87 2.09
CA VAL A 183 18.70 -18.26 2.45
C VAL A 183 19.76 -18.27 3.53
N ASP A 184 19.42 -18.80 4.70
CA ASP A 184 20.36 -18.89 5.81
C ASP A 184 20.96 -17.51 6.11
N GLY A 185 20.12 -16.47 6.01
CA GLY A 185 20.48 -15.10 6.33
C GLY A 185 21.13 -14.31 5.23
N GLU A 186 21.39 -14.90 4.06
CA GLU A 186 22.07 -14.24 2.95
C GLU A 186 21.05 -13.80 1.90
N SER A 187 21.20 -12.58 1.40
CA SER A 187 20.28 -12.00 0.44
C SER A 187 20.49 -12.58 -0.95
N ILE A 188 19.45 -13.21 -1.51
CA ILE A 188 19.50 -13.76 -2.86
C ILE A 188 18.73 -12.91 -3.85
N GLY A 189 17.56 -12.43 -3.46
CA GLY A 189 16.78 -11.60 -4.35
C GLY A 189 15.53 -11.08 -3.66
N ILE A 190 14.55 -10.71 -4.49
CA ILE A 190 13.27 -10.17 -4.02
C ILE A 190 12.17 -10.70 -4.92
N ILE A 191 10.95 -10.74 -4.39
CA ILE A 191 9.76 -10.93 -5.22
C ILE A 191 8.73 -9.90 -4.80
N GLY A 192 8.09 -9.23 -5.76
CA GLY A 192 7.13 -8.22 -5.37
C GLY A 192 6.11 -7.94 -6.45
N MET A 193 5.09 -7.17 -6.06
CA MET A 193 4.15 -6.56 -7.01
C MET A 193 3.79 -5.16 -6.56
N ASP A 194 3.36 -4.34 -7.54
CA ASP A 194 3.05 -2.92 -7.34
C ASP A 194 1.57 -2.65 -7.58
N ILE A 195 1.08 -1.57 -6.96
CA ILE A 195 -0.28 -1.09 -7.15
C ILE A 195 -0.21 0.40 -7.42
N ASP A 196 -0.93 0.86 -8.45
CA ASP A 196 -1.07 2.30 -8.71
C ASP A 196 -1.71 2.99 -7.50
N PHE A 197 -1.04 4.00 -6.94
CA PHE A 197 -1.56 4.63 -5.72
C PHE A 197 -2.90 5.31 -5.96
N SER A 198 -3.21 5.70 -7.20
CA SER A 198 -4.51 6.31 -7.49
C SER A 198 -5.69 5.39 -7.24
N GLU A 199 -5.48 4.06 -7.22
CA GLU A 199 -6.57 3.19 -6.79
C GLU A 199 -7.06 3.58 -5.40
N PHE A 200 -6.14 3.96 -4.51
CA PHE A 200 -6.51 4.31 -3.15
C PHE A 200 -6.98 5.75 -3.04
N THR A 201 -6.31 6.68 -3.72
CA THR A 201 -6.73 8.07 -3.63
C THR A 201 -8.10 8.30 -4.28
N ASP A 202 -8.41 7.58 -5.35
CA ASP A 202 -9.75 7.64 -5.91
C ASP A 202 -10.80 7.19 -4.89
N THR A 203 -10.53 6.11 -4.16
CA THR A 203 -11.44 5.66 -3.12
C THR A 203 -11.59 6.74 -2.04
N ILE A 204 -10.47 7.34 -1.60
CA ILE A 204 -10.53 8.43 -0.62
C ILE A 204 -11.42 9.55 -1.13
N ASP A 205 -11.22 9.97 -2.39
CA ASP A 205 -11.97 11.10 -2.94
C ASP A 205 -13.47 10.85 -2.94
N SER A 206 -13.88 9.59 -3.05
CA SER A 206 -15.30 9.25 -3.13
CA SER A 206 -15.30 9.25 -3.13
C SER A 206 -15.98 9.12 -1.76
N LEU A 207 -15.22 9.28 -0.67
CA LEU A 207 -15.73 9.05 0.67
CA LEU A 207 -15.74 9.05 0.66
C LEU A 207 -16.24 10.35 1.29
N SER A 208 -17.41 10.26 1.92
CA SER A 208 -17.91 11.36 2.73
C SER A 208 -18.68 10.80 3.91
N ILE A 209 -18.90 11.64 4.92
CA ILE A 209 -19.83 11.34 6.01
C ILE A 209 -20.41 12.66 6.47
N PHE A 210 -21.66 12.62 6.95
CA PHE A 210 -22.34 13.83 7.45
C PHE A 210 -22.37 14.87 6.32
N ASP A 211 -22.18 16.16 6.62
CA ASP A 211 -22.26 17.19 5.59
C ASP A 211 -20.93 17.46 4.93
N SER A 212 -19.82 17.34 5.66
CA SER A 212 -18.53 17.72 5.09
C SER A 212 -17.40 16.83 5.60
N GLY A 213 -17.71 15.67 6.16
CA GLY A 213 -16.67 14.77 6.61
C GLY A 213 -15.91 14.18 5.44
N TYR A 214 -14.63 13.84 5.69
CA TYR A 214 -13.79 13.28 4.65
C TYR A 214 -12.73 12.39 5.29
N GLY A 215 -12.02 11.64 4.45
CA GLY A 215 -10.95 10.77 4.90
C GLY A 215 -9.60 11.19 4.34
N PHE A 216 -8.55 10.62 4.93
CA PHE A 216 -7.20 10.85 4.42
C PHE A 216 -6.28 9.73 4.91
N LEU A 217 -5.07 9.69 4.34
CA LEU A 217 -4.10 8.63 4.63
C LEU A 217 -2.82 9.25 5.20
N VAL A 218 -2.31 8.66 6.28
CA VAL A 218 -1.13 9.14 6.99
CA VAL A 218 -1.11 9.13 6.97
C VAL A 218 -0.36 7.92 7.50
N ASN A 219 0.95 8.06 7.68
CA ASN A 219 1.68 6.98 8.33
C ASN A 219 1.65 7.19 9.85
N GLU A 220 2.22 6.22 10.57
CA GLU A 220 2.15 6.21 12.02
C GLU A 220 2.86 7.41 12.66
N SER A 221 3.79 8.04 11.95
CA SER A 221 4.52 9.20 12.45
CA SER A 221 4.51 9.20 12.46
C SER A 221 3.88 10.52 12.05
N GLY A 222 2.75 10.49 11.33
CA GLY A 222 2.08 11.71 10.92
C GLY A 222 2.44 12.23 9.55
N LYS A 223 3.22 11.48 8.75
CA LYS A 223 3.56 11.91 7.41
C LYS A 223 2.38 11.68 6.48
N VAL A 224 2.02 12.70 5.69
CA VAL A 224 0.86 12.63 4.82
C VAL A 224 1.18 11.72 3.63
N MET A 225 0.42 10.63 3.49
CA MET A 225 0.33 9.84 2.25
C MET A 225 -0.65 10.40 1.22
N TYR A 226 -1.85 10.80 1.63
CA TYR A 226 -2.75 11.47 0.73
C TYR A 226 -3.74 12.28 1.56
N HIS A 227 -3.88 13.58 1.24
CA HIS A 227 -4.85 14.46 1.87
C HIS A 227 -5.23 15.50 0.83
N LYS A 228 -6.52 15.78 0.69
CA LYS A 228 -6.98 16.70 -0.36
C LYS A 228 -6.41 18.11 -0.24
N ASP A 229 -5.98 18.52 0.96
CA ASP A 229 -5.52 19.89 1.18
C ASP A 229 -4.06 20.00 1.58
N LEU A 230 -3.44 18.93 2.07
CA LEU A 230 -2.08 18.98 2.59
C LEU A 230 -1.13 18.31 1.61
N GLU A 231 0.08 18.85 1.51
CA GLU A 231 1.03 18.36 0.53
C GLU A 231 1.51 16.96 0.89
N ILE A 232 1.62 16.09 -0.13
CA ILE A 232 2.16 14.76 0.09
C ILE A 232 3.53 14.86 0.72
N GLY A 233 3.79 14.02 1.72
CA GLY A 233 5.08 13.95 2.37
C GLY A 233 5.30 14.95 3.47
N SER A 234 4.40 15.91 3.65
CA SER A 234 4.48 16.81 4.79
C SER A 234 4.02 16.10 6.05
N ASN A 235 4.30 16.68 7.22
CA ASN A 235 3.82 16.12 8.48
C ASN A 235 2.60 16.89 8.95
N LEU A 236 1.65 16.16 9.55
CA LEU A 236 0.44 16.82 10.06
C LEU A 236 0.77 17.94 11.01
N ALA A 237 1.77 17.73 11.88
CA ALA A 237 2.10 18.72 12.89
C ALA A 237 2.58 20.04 12.30
N ASP A 238 2.98 20.05 11.02
CA ASP A 238 3.42 21.27 10.36
C ASP A 238 2.29 22.03 9.66
N ALA A 239 1.09 21.46 9.58
CA ALA A 239 -0.05 22.19 9.02
C ALA A 239 -0.70 23.10 10.06
N ASP A 240 -0.70 22.68 11.32
CA ASP A 240 -1.47 23.32 12.37
C ASP A 240 -0.99 22.67 13.66
N SER A 241 -0.57 23.49 14.63
CA SER A 241 -0.09 22.95 15.90
C SER A 241 -1.14 22.11 16.61
N GLY A 242 -2.42 22.35 16.31
CA GLY A 242 -3.50 21.55 16.87
C GLY A 242 -3.49 20.10 16.43
N LEU A 243 -2.76 19.76 15.37
CA LEU A 243 -2.74 18.39 14.87
C LEU A 243 -1.74 17.50 15.61
N GLN A 244 -0.97 18.04 16.57
CA GLN A 244 -0.12 17.17 17.37
C GLN A 244 -0.94 16.15 18.15
N SER A 245 -2.17 16.51 18.57
CA SER A 245 -3.03 15.55 19.23
CA SER A 245 -3.05 15.56 19.23
C SER A 245 -3.39 14.39 18.32
N VAL A 246 -3.52 14.65 17.02
CA VAL A 246 -3.82 13.57 16.09
C VAL A 246 -2.62 12.65 15.96
N VAL A 247 -1.42 13.23 15.83
CA VAL A 247 -0.20 12.43 15.68
C VAL A 247 0.02 11.56 16.91
N ASP A 248 -0.25 12.11 18.10
CA ASP A 248 -0.15 11.31 19.33
C ASP A 248 -1.06 10.09 19.29
N ALA A 249 -2.31 10.26 18.83
CA ALA A 249 -3.24 9.14 18.74
C ALA A 249 -2.75 8.08 17.77
N LEU A 250 -2.20 8.51 16.62
CA LEU A 250 -1.75 7.56 15.60
C LEU A 250 -0.66 6.63 16.13
N GLY A 251 0.15 7.09 17.07
CA GLY A 251 1.18 6.24 17.61
C GLY A 251 0.78 5.41 18.81
N ASN A 252 -0.47 5.49 19.26
CA ASN A 252 -0.98 4.77 20.41
C ASN A 252 -2.04 3.79 19.91
N GLU A 253 -1.68 2.50 19.90
CA GLU A 253 -2.58 1.46 19.38
C GLU A 253 -3.90 1.40 20.15
N GLN A 254 -3.89 1.74 21.44
CA GLN A 254 -5.12 1.69 22.21
C GLN A 254 -6.15 2.73 21.79
N THR A 255 -5.74 3.73 21.01
CA THR A 255 -6.70 4.73 20.55
C THR A 255 -7.28 4.41 19.17
N GLU A 256 -6.84 3.32 18.54
CA GLU A 256 -7.43 2.91 17.27
C GLU A 256 -8.93 2.71 17.41
N GLU A 257 -9.67 3.19 16.41
CA GLU A 257 -11.12 2.98 16.32
C GLU A 257 -11.88 3.56 17.51
N THR A 258 -11.33 4.63 18.10
CA THR A 258 -12.01 5.40 19.13
C THR A 258 -12.11 6.85 18.69
N ALA A 259 -13.06 7.58 19.27
CA ALA A 259 -13.26 8.99 18.93
C ALA A 259 -12.12 9.83 19.51
N VAL A 260 -11.41 10.56 18.63
CA VAL A 260 -10.32 11.44 19.04
C VAL A 260 -10.72 12.87 18.71
N SER A 261 -10.76 13.74 19.72
CA SER A 261 -11.12 15.14 19.54
C SER A 261 -9.88 16.00 19.34
N TYR A 262 -10.01 17.00 18.46
CA TYR A 262 -8.93 17.95 18.21
C TYR A 262 -9.55 19.21 17.60
N THR A 263 -8.72 20.22 17.38
CA THR A 263 -9.13 21.49 16.81
C THR A 263 -8.23 21.80 15.62
N TYR A 264 -8.83 22.24 14.53
CA TYR A 264 -8.10 22.45 13.28
C TYR A 264 -8.78 23.56 12.49
N GLN A 265 -8.01 24.56 12.08
CA GLN A 265 -8.52 25.68 11.27
C GLN A 265 -9.81 26.27 11.85
N GLY A 266 -9.80 26.47 13.16
CA GLY A 266 -10.90 27.15 13.84
C GLY A 266 -12.11 26.31 14.18
N LYS A 267 -12.07 24.99 13.95
CA LYS A 267 -13.21 24.14 14.27
C LYS A 267 -12.78 22.97 15.15
N ASP A 268 -13.62 22.65 16.12
CA ASP A 268 -13.48 21.38 16.82
C ASP A 268 -13.86 20.26 15.88
N LYS A 269 -13.04 19.21 15.86
CA LYS A 269 -13.27 18.07 14.97
C LYS A 269 -13.18 16.77 15.77
N VAL A 270 -13.72 15.72 15.18
CA VAL A 270 -13.65 14.37 15.75
C VAL A 270 -13.16 13.45 14.64
N MET A 271 -12.24 12.55 14.97
CA MET A 271 -11.80 11.57 13.99
CA MET A 271 -11.76 11.58 14.00
C MET A 271 -11.78 10.17 14.60
N TYR A 272 -11.82 9.19 13.70
CA TYR A 272 -11.57 7.79 14.02
C TYR A 272 -10.51 7.32 13.03
N TYR A 273 -9.57 6.51 13.48
CA TYR A 273 -8.58 5.95 12.55
C TYR A 273 -8.49 4.44 12.70
N LYS A 274 -8.04 3.80 11.62
CA LYS A 274 -7.81 2.37 11.61
C LYS A 274 -6.52 2.10 10.83
N THR A 275 -5.71 1.14 11.31
CA THR A 275 -4.50 0.73 10.60
C THR A 275 -4.85 -0.20 9.45
N LEU A 276 -4.33 0.11 8.26
CA LEU A 276 -4.57 -0.68 7.05
C LEU A 276 -3.56 -1.82 6.92
N GLU A 277 -3.82 -2.66 5.92
CA GLU A 277 -2.97 -3.83 5.67
C GLU A 277 -1.51 -3.45 5.46
N ASN A 278 -1.25 -2.30 4.82
CA ASN A 278 0.11 -1.85 4.52
C ASN A 278 0.73 -1.01 5.64
N GLY A 279 0.04 -0.87 6.78
CA GLY A 279 0.54 -0.10 7.90
C GLY A 279 0.18 1.36 7.89
N MET A 280 -0.36 1.89 6.81
CA MET A 280 -0.88 3.25 6.79
C MET A 280 -2.04 3.34 7.76
N LYS A 281 -2.32 4.56 8.21
CA LYS A 281 -3.53 4.85 8.97
C LYS A 281 -4.55 5.54 8.09
N PHE A 282 -5.76 4.99 8.04
CA PHE A 282 -6.88 5.69 7.40
C PHE A 282 -7.60 6.49 8.48
N VAL A 283 -7.76 7.79 8.24
CA VAL A 283 -8.38 8.71 9.19
C VAL A 283 -9.68 9.23 8.59
N LEU A 284 -10.77 9.10 9.33
CA LEU A 284 -12.06 9.67 8.94
C LEU A 284 -12.36 10.79 9.92
N THR A 285 -12.65 11.99 9.41
CA THR A 285 -12.81 13.15 10.28
C THR A 285 -14.02 14.00 9.87
N ALA A 286 -14.60 14.69 10.86
CA ALA A 286 -15.74 15.57 10.63
C ALA A 286 -15.75 16.66 11.68
N PRO A 287 -16.36 17.80 11.39
CA PRO A 287 -16.53 18.82 12.43
C PRO A 287 -17.45 18.29 13.52
N LYS A 288 -17.10 18.62 14.77
CA LYS A 288 -17.90 18.19 15.91
C LYS A 288 -19.37 18.59 15.76
N THR A 289 -19.63 19.78 15.22
CA THR A 289 -21.02 20.23 15.06
C THR A 289 -21.84 19.30 14.17
N GLU A 290 -21.21 18.56 13.26
CA GLU A 290 -21.96 17.66 12.40
C GLU A 290 -22.40 16.39 13.11
N LEU A 291 -21.70 16.00 14.19
CA LEU A 291 -22.17 14.90 15.02
C LEU A 291 -23.26 15.34 16.00
N GLN A 292 -23.30 16.63 16.32
CA GLN A 292 -24.24 17.13 17.32
C GLN A 292 -25.66 17.12 16.78
N GLU A 293 -26.62 16.99 17.69
CA GLU A 293 -28.02 16.79 17.35
C GLU A 293 -28.77 18.13 17.26
N1 URA B . 10.38 -2.57 -10.47
C2 URA B . 10.88 -1.95 -11.58
O2 URA B . 10.59 -0.79 -11.87
N3 URA B . 11.75 -2.69 -12.33
C4 URA B . 12.12 -4.00 -12.07
O4 URA B . 12.93 -4.57 -12.83
C5 URA B . 11.54 -4.58 -10.89
C6 URA B . 10.69 -3.85 -10.15
C ACT C . -7.92 17.28 9.08
O ACT C . -7.92 17.33 7.80
OXT ACT C . -8.90 17.38 9.87
CH3 ACT C . -6.55 17.05 9.75
C1 EDO D . 9.18 6.24 -0.10
O1 EDO D . 9.46 6.09 1.29
C2 EDO D . 9.56 4.96 -0.84
O2 EDO D . 8.80 3.86 -0.36
#